data_4KZF
#
_entry.id   4KZF
#
_cell.length_a   130.979
_cell.length_b   130.979
_cell.length_c   130.979
_cell.angle_alpha   90.000
_cell.angle_beta   90.000
_cell.angle_gamma   90.000
#
_symmetry.space_group_name_H-M   'P 42 3 2'
#
loop_
_entity.id
_entity.type
_entity.pdbx_description
1 polymer 'Aliphatic amidase'
2 non-polymer 'CHLORIDE ION'
3 water water
#
_entity_poly.entity_id   1
_entity_poly.type   'polypeptide(L)'
_entity_poly.pdbx_seq_one_letter_code
;MRHGDISSSHDTVGIAVVNYKMPRLHTKAEVIENAKKIADMVVGMKQGLPGMDLVVFPEYSTMGIMYDQDEMFATAASIP
GEETAIFAEACKKADTWGVFSLTGEKHEDHPNKAPYNTLVLINNKGEIVQKYRKIIPWCPILGWYPGDTTYVTEGPKGLK
ISLIVCDDGNYPEIWRDCAMKGAELIVRCQGYMYPAKEQQIMMAKAMAWANNTYVAVANATGFDGVYSYFGHSAIIGFDG
RTLGECGTEENGIQYAEVSISQIRDFRKNAQSQNHLFKLLHRGYTGLINSGEGDRGVAECPFDFYRTWVLDAEKARENVE
KITRSTVGTAECPIQGIPNEGKTKEIGV
;
_entity_poly.pdbx_strand_id   A
#
loop_
_chem_comp.id
_chem_comp.type
_chem_comp.name
_chem_comp.formula
CL non-polymer 'CHLORIDE ION' 'Cl -1'
#
# COMPACT_ATOMS: atom_id res chain seq x y z
N MET A 1 6.25 -14.67 -11.68
CA MET A 1 6.60 -13.31 -12.17
C MET A 1 6.57 -13.32 -13.71
N ARG A 2 5.39 -13.20 -14.31
CA ARG A 2 5.30 -13.28 -15.77
C ARG A 2 4.06 -12.52 -16.20
N HIS A 3 4.10 -11.88 -17.39
CA HIS A 3 2.97 -11.01 -17.74
C HIS A 3 2.43 -11.31 -19.15
N GLY A 4 1.09 -11.25 -19.31
CA GLY A 4 0.49 -11.29 -20.61
C GLY A 4 -0.75 -12.17 -20.67
N ASP A 5 -0.81 -13.18 -19.78
CA ASP A 5 -1.87 -14.20 -19.84
C ASP A 5 -2.95 -13.83 -18.86
N ILE A 6 -4.16 -14.42 -19.03
CA ILE A 6 -5.27 -14.26 -18.03
C ILE A 6 -5.46 -15.38 -17.05
N SER A 7 -4.59 -16.39 -17.20
CA SER A 7 -4.61 -17.60 -16.39
C SER A 7 -3.71 -17.40 -15.11
N SER A 8 -3.82 -18.40 -14.24
CA SER A 8 -2.87 -18.57 -13.13
C SER A 8 -2.66 -20.09 -12.84
N SER A 9 -1.52 -20.45 -12.22
CA SER A 9 -1.24 -21.87 -11.96
C SER A 9 -1.14 -22.11 -10.45
N HIS A 10 -0.96 -23.36 -10.02
CA HIS A 10 -0.77 -23.61 -8.55
C HIS A 10 0.46 -22.86 -7.95
N ASP A 11 1.39 -22.50 -8.79
CA ASP A 11 2.57 -21.74 -8.28
C ASP A 11 2.33 -20.20 -8.27
N THR A 12 1.34 -19.72 -9.05
CA THR A 12 1.24 -18.27 -9.33
C THR A 12 -0.07 -17.73 -8.77
N VAL A 13 0.02 -16.52 -8.26
CA VAL A 13 -1.09 -15.78 -7.75
C VAL A 13 -1.48 -14.75 -8.82
N GLY A 14 -2.73 -14.73 -9.26
CA GLY A 14 -3.20 -13.85 -10.32
C GLY A 14 -3.63 -12.60 -9.64
N ILE A 15 -2.94 -11.48 -9.87
CA ILE A 15 -3.24 -10.22 -9.21
C ILE A 15 -3.83 -9.24 -10.24
N ALA A 16 -4.97 -8.62 -9.91
CA ALA A 16 -5.52 -7.53 -10.73
C ALA A 16 -5.51 -6.24 -9.95
N VAL A 17 -5.00 -5.15 -10.53
CA VAL A 17 -5.06 -3.81 -9.93
C VAL A 17 -6.00 -2.94 -10.74
N VAL A 18 -6.75 -2.06 -10.08
CA VAL A 18 -7.80 -1.25 -10.74
C VAL A 18 -7.57 0.26 -10.63
N ASN A 19 -7.52 0.93 -11.79
CA ASN A 19 -7.39 2.35 -11.92
C ASN A 19 -8.81 3.01 -11.62
N TYR A 20 -9.39 2.72 -10.46
CA TYR A 20 -10.78 3.08 -10.19
C TYR A 20 -11.00 4.58 -10.19
N LYS A 21 -11.96 5.03 -11.00
CA LYS A 21 -12.41 6.39 -11.07
C LYS A 21 -12.84 6.97 -9.75
N MET A 22 -12.20 8.07 -9.30
CA MET A 22 -12.45 8.60 -7.99
C MET A 22 -13.94 9.10 -7.89
N PRO A 23 -14.69 8.62 -6.91
CA PRO A 23 -16.07 9.04 -6.72
C PRO A 23 -16.14 10.45 -6.11
N ARG A 24 -17.22 11.13 -6.32
CA ARG A 24 -17.41 12.45 -5.68
C ARG A 24 -18.75 12.26 -4.93
N LEU A 25 -18.66 11.95 -3.64
CA LEU A 25 -19.84 11.53 -2.85
C LEU A 25 -20.01 12.36 -1.61
N HIS A 26 -21.19 12.27 -1.01
CA HIS A 26 -21.54 13.20 0.11
C HIS A 26 -22.32 12.58 1.24
N THR A 27 -23.06 11.48 0.98
CA THR A 27 -23.82 10.83 1.96
C THR A 27 -23.51 9.33 2.07
N LYS A 28 -23.93 8.77 3.20
CA LYS A 28 -23.88 7.35 3.44
C LYS A 28 -24.54 6.51 2.40
N ALA A 29 -25.74 6.90 1.95
CA ALA A 29 -26.35 6.16 0.88
C ALA A 29 -25.49 6.15 -0.40
N GLU A 30 -24.90 7.30 -0.71
CA GLU A 30 -24.06 7.30 -1.95
C GLU A 30 -22.88 6.36 -1.81
N VAL A 31 -22.25 6.29 -0.63
CA VAL A 31 -21.16 5.38 -0.34
C VAL A 31 -21.61 3.97 -0.54
N ILE A 32 -22.80 3.63 0.00
CA ILE A 32 -23.24 2.24 -0.14
C ILE A 32 -23.44 1.85 -1.60
N GLU A 33 -24.03 2.75 -2.40
CA GLU A 33 -24.25 2.50 -3.75
C GLU A 33 -22.94 2.28 -4.56
N ASN A 34 -21.98 3.13 -4.25
CA ASN A 34 -20.66 2.96 -4.88
C ASN A 34 -19.95 1.68 -4.43
N ALA A 35 -20.12 1.30 -3.17
CA ALA A 35 -19.64 -0.01 -2.68
C ALA A 35 -20.19 -1.15 -3.52
N LYS A 36 -21.47 -1.08 -3.87
CA LYS A 36 -22.04 -2.05 -4.70
C LYS A 36 -21.57 -2.04 -6.14
N LYS A 37 -21.21 -0.86 -6.67
CA LYS A 37 -20.58 -0.83 -8.03
C LYS A 37 -19.25 -1.50 -8.01
N ILE A 38 -18.48 -1.33 -6.93
CA ILE A 38 -17.19 -2.07 -6.79
C ILE A 38 -17.38 -3.54 -6.76
N ALA A 39 -18.37 -3.98 -5.96
CA ALA A 39 -18.72 -5.39 -5.87
C ALA A 39 -19.10 -5.95 -7.21
N ASP A 40 -19.97 -5.27 -7.97
CA ASP A 40 -20.28 -5.76 -9.27
C ASP A 40 -19.02 -5.85 -10.15
N MET A 41 -18.14 -4.84 -10.02
CA MET A 41 -16.91 -4.81 -10.88
C MET A 41 -16.02 -6.04 -10.59
N VAL A 42 -15.89 -6.41 -9.32
CA VAL A 42 -15.13 -7.63 -8.93
C VAL A 42 -15.66 -8.88 -9.58
N VAL A 43 -16.98 -9.05 -9.48
CA VAL A 43 -17.60 -10.21 -10.05
C VAL A 43 -17.46 -10.25 -11.56
N GLY A 44 -17.57 -9.08 -12.23
CA GLY A 44 -17.41 -9.04 -13.72
C GLY A 44 -15.98 -9.34 -14.15
N MET A 45 -15.03 -8.72 -13.47
CA MET A 45 -13.65 -8.92 -13.80
C MET A 45 -13.32 -10.41 -13.72
N LYS A 46 -13.84 -11.12 -12.71
CA LYS A 46 -13.55 -12.54 -12.55
C LYS A 46 -13.95 -13.39 -13.74
N GLN A 47 -15.02 -12.99 -14.42
CA GLN A 47 -15.42 -13.70 -15.61
C GLN A 47 -14.43 -13.56 -16.74
N GLY A 48 -13.76 -12.43 -16.85
CA GLY A 48 -12.73 -12.29 -17.84
C GLY A 48 -11.34 -12.73 -17.48
N LEU A 49 -11.09 -12.87 -16.18
CA LEU A 49 -9.79 -13.19 -15.64
C LEU A 49 -9.95 -14.38 -14.72
N PRO A 50 -10.05 -15.58 -15.32
CA PRO A 50 -10.24 -16.80 -14.49
C PRO A 50 -9.08 -17.08 -13.52
N GLY A 51 -7.88 -16.55 -13.80
CA GLY A 51 -6.78 -16.77 -12.86
C GLY A 51 -6.75 -15.82 -11.66
N MET A 52 -7.66 -14.84 -11.58
CA MET A 52 -7.56 -13.79 -10.54
C MET A 52 -7.80 -14.39 -9.18
N ASP A 53 -6.86 -14.19 -8.31
CA ASP A 53 -6.85 -14.60 -6.96
C ASP A 53 -6.88 -13.40 -6.02
N LEU A 54 -6.46 -12.23 -6.50
CA LEU A 54 -6.34 -10.99 -5.65
C LEU A 54 -6.71 -9.80 -6.48
N VAL A 55 -7.65 -9.02 -6.01
CA VAL A 55 -8.02 -7.80 -6.73
C VAL A 55 -7.80 -6.65 -5.82
N VAL A 56 -7.27 -5.52 -6.36
CA VAL A 56 -6.87 -4.42 -5.55
C VAL A 56 -7.51 -3.14 -5.99
N PHE A 57 -8.15 -2.39 -5.10
CA PHE A 57 -8.72 -1.10 -5.39
C PHE A 57 -7.97 0.06 -4.73
N PRO A 58 -8.04 1.25 -5.29
CA PRO A 58 -7.27 2.40 -4.77
C PRO A 58 -7.72 2.87 -3.41
N GLU A 59 -6.87 3.57 -2.69
CA GLU A 59 -7.24 4.37 -1.56
C GLU A 59 -8.34 5.34 -1.99
N TYR A 60 -9.34 5.50 -1.14
CA TYR A 60 -10.50 6.37 -1.35
C TYR A 60 -11.48 5.82 -2.32
N SER A 61 -11.31 4.61 -2.86
CA SER A 61 -12.14 4.20 -3.95
C SER A 61 -13.57 3.99 -3.46
N THR A 62 -13.78 3.78 -2.15
CA THR A 62 -15.21 3.47 -1.63
C THR A 62 -15.98 4.78 -1.33
N MET A 63 -15.35 5.69 -0.60
CA MET A 63 -15.97 6.97 -0.23
C MET A 63 -15.66 8.17 -1.09
N GLY A 64 -14.59 8.08 -1.88
CA GLY A 64 -13.97 9.28 -2.42
C GLY A 64 -13.31 9.96 -1.26
N ILE A 65 -12.74 11.12 -1.50
CA ILE A 65 -12.25 11.96 -0.41
C ILE A 65 -13.35 12.86 0.13
N MET A 66 -13.59 12.76 1.44
CA MET A 66 -14.66 13.55 2.09
C MET A 66 -14.04 14.87 2.58
N TYR A 67 -14.04 15.89 1.71
CA TYR A 67 -13.33 17.11 1.98
C TYR A 67 -14.04 17.86 3.09
N ASP A 68 -15.35 17.66 3.18
CA ASP A 68 -16.12 18.32 4.19
C ASP A 68 -16.07 17.54 5.52
N GLN A 69 -15.62 18.17 6.61
CA GLN A 69 -15.46 17.44 7.93
C GLN A 69 -16.76 16.78 8.37
N ASP A 70 -17.89 17.43 8.18
CA ASP A 70 -19.13 16.81 8.67
C ASP A 70 -19.48 15.58 7.87
N GLU A 71 -19.30 15.67 6.55
CA GLU A 71 -19.58 14.50 5.72
C GLU A 71 -18.55 13.37 6.06
N MET A 72 -17.32 13.76 6.36
CA MET A 72 -16.32 12.82 6.79
C MET A 72 -16.78 11.98 7.99
N PHE A 73 -17.11 12.67 9.06
CA PHE A 73 -17.71 12.05 10.26
C PHE A 73 -18.98 11.29 10.00
N ALA A 74 -19.90 11.85 9.24
CA ALA A 74 -21.12 11.10 8.93
C ALA A 74 -20.98 9.82 8.10
N THR A 75 -20.01 9.74 7.17
CA THR A 75 -19.81 8.50 6.41
C THR A 75 -18.72 7.54 6.95
N ALA A 76 -18.10 7.84 8.07
CA ALA A 76 -17.01 7.02 8.52
C ALA A 76 -17.46 5.63 8.75
N ALA A 77 -16.68 4.62 8.34
CA ALA A 77 -17.19 3.23 8.43
C ALA A 77 -16.83 2.52 9.72
N SER A 78 -17.71 1.58 10.11
CA SER A 78 -17.33 0.51 11.04
C SER A 78 -16.66 -0.64 10.32
N ILE A 79 -15.64 -1.23 10.93
CA ILE A 79 -15.01 -2.40 10.36
C ILE A 79 -15.00 -3.50 11.40
N PRO A 80 -15.69 -4.60 11.10
CA PRO A 80 -16.51 -4.92 9.93
C PRO A 80 -17.73 -4.05 9.92
N GLY A 81 -18.39 -3.96 8.77
CA GLY A 81 -19.50 -3.05 8.62
C GLY A 81 -20.24 -3.35 7.38
N GLU A 82 -21.19 -2.48 7.01
CA GLU A 82 -22.01 -2.83 5.84
C GLU A 82 -21.15 -2.82 4.51
N GLU A 83 -20.30 -1.81 4.34
CA GLU A 83 -19.39 -1.76 3.20
C GLU A 83 -18.52 -2.96 3.12
N THR A 84 -17.81 -3.33 4.20
CA THR A 84 -17.06 -4.58 4.14
C THR A 84 -17.87 -5.80 3.82
N ALA A 85 -19.12 -5.88 4.27
CA ALA A 85 -19.97 -7.06 3.94
C ALA A 85 -20.29 -7.16 2.46
N ILE A 86 -20.54 -6.00 1.86
CA ILE A 86 -20.77 -5.92 0.39
C ILE A 86 -19.53 -6.46 -0.37
N PHE A 87 -18.34 -6.01 0.08
CA PHE A 87 -17.10 -6.49 -0.55
C PHE A 87 -16.88 -7.97 -0.30
N ALA A 88 -17.23 -8.40 0.90
CA ALA A 88 -16.97 -9.81 1.26
C ALA A 88 -17.78 -10.74 0.39
N GLU A 89 -19.02 -10.33 0.14
CA GLU A 89 -19.85 -11.14 -0.71
C GLU A 89 -19.36 -11.28 -2.11
N ALA A 90 -18.74 -10.23 -2.64
CA ALA A 90 -18.14 -10.29 -3.96
C ALA A 90 -16.95 -11.18 -4.00
N CYS A 91 -16.12 -11.10 -2.99
CA CYS A 91 -14.95 -11.99 -2.97
C CYS A 91 -15.39 -13.46 -2.91
N LYS A 92 -16.41 -13.74 -2.13
CA LYS A 92 -16.95 -15.12 -2.13
C LYS A 92 -17.48 -15.53 -3.42
N LYS A 93 -18.38 -14.74 -3.97
CA LYS A 93 -19.00 -15.09 -5.28
C LYS A 93 -17.97 -15.29 -6.38
N ALA A 94 -16.93 -14.40 -6.45
CA ALA A 94 -15.90 -14.51 -7.43
C ALA A 94 -14.71 -15.38 -7.02
N ASP A 95 -14.75 -15.90 -5.79
CA ASP A 95 -13.66 -16.81 -5.32
C ASP A 95 -12.31 -16.12 -5.47
N THR A 96 -12.17 -14.96 -4.87
CA THR A 96 -10.96 -14.12 -4.95
C THR A 96 -10.74 -13.43 -3.66
N TRP A 97 -9.52 -13.08 -3.38
CA TRP A 97 -9.25 -12.20 -2.25
C TRP A 97 -9.32 -10.76 -2.79
N GLY A 98 -9.48 -9.81 -1.93
CA GLY A 98 -9.50 -8.41 -2.30
C GLY A 98 -9.02 -7.44 -1.30
N VAL A 99 -8.62 -6.27 -1.81
CA VAL A 99 -8.13 -5.21 -0.98
C VAL A 99 -8.96 -4.00 -1.22
N PHE A 100 -9.56 -3.46 -0.17
CA PHE A 100 -10.53 -2.39 -0.23
C PHE A 100 -10.23 -1.31 0.73
N SER A 101 -10.72 -0.09 0.41
CA SER A 101 -10.38 1.12 1.14
C SER A 101 -11.55 1.70 1.92
N LEU A 102 -11.37 1.91 3.22
CA LEU A 102 -12.37 2.63 4.04
C LEU A 102 -11.78 3.92 4.57
N THR A 103 -12.33 5.05 4.11
CA THR A 103 -11.77 6.32 4.42
C THR A 103 -12.96 7.26 4.66
N GLY A 104 -13.35 7.45 5.92
CA GLY A 104 -12.60 6.98 7.09
C GLY A 104 -13.10 5.68 7.72
N GLU A 105 -12.30 5.14 8.61
CA GLU A 105 -12.72 4.11 9.60
C GLU A 105 -12.88 4.85 10.95
N LYS A 106 -14.08 4.75 11.53
CA LYS A 106 -14.34 5.35 12.80
C LYS A 106 -13.18 5.16 13.81
N HIS A 107 -12.78 6.28 14.41
CA HIS A 107 -11.82 6.21 15.55
C HIS A 107 -12.50 5.50 16.77
N GLU A 108 -11.73 4.81 17.60
CA GLU A 108 -12.21 4.31 18.91
C GLU A 108 -12.99 5.40 19.71
N ASP A 109 -12.63 6.67 19.53
CA ASP A 109 -13.27 7.83 20.21
C ASP A 109 -14.08 8.66 19.22
N HIS A 110 -14.63 8.02 18.19
CA HIS A 110 -15.51 8.68 17.23
C HIS A 110 -16.71 9.26 18.03
N PRO A 111 -17.22 10.45 17.67
CA PRO A 111 -16.67 11.33 16.64
C PRO A 111 -15.76 12.41 17.23
N ASN A 112 -15.11 12.10 18.33
CA ASN A 112 -14.28 13.11 19.04
C ASN A 112 -12.87 13.17 18.44
N LYS A 113 -12.45 12.13 17.71
CA LYS A 113 -11.13 12.16 17.08
C LYS A 113 -11.26 11.81 15.61
N ALA A 114 -10.29 12.25 14.80
CA ALA A 114 -10.31 12.03 13.35
C ALA A 114 -10.34 10.51 13.06
N PRO A 115 -11.05 10.10 12.00
CA PRO A 115 -11.10 8.69 11.63
C PRO A 115 -9.75 8.22 11.14
N TYR A 116 -9.57 6.91 11.09
CA TYR A 116 -8.37 6.38 10.39
C TYR A 116 -8.65 6.32 8.91
N ASN A 117 -7.56 6.15 8.16
CA ASN A 117 -7.57 5.84 6.75
C ASN A 117 -7.12 4.39 6.69
N THR A 118 -7.98 3.49 6.23
CA THR A 118 -7.79 2.04 6.47
C THR A 118 -7.95 1.20 5.22
N LEU A 119 -7.20 0.10 5.17
CA LEU A 119 -7.35 -0.87 4.13
C LEU A 119 -7.69 -2.16 4.79
N VAL A 120 -8.53 -2.98 4.09
CA VAL A 120 -8.75 -4.32 4.50
C VAL A 120 -8.36 -5.31 3.45
N LEU A 121 -7.81 -6.45 3.86
CA LEU A 121 -7.61 -7.57 3.00
C LEU A 121 -8.76 -8.58 3.38
N ILE A 122 -9.54 -8.99 2.38
CA ILE A 122 -10.64 -9.93 2.57
C ILE A 122 -10.29 -11.17 1.83
N ASN A 123 -10.43 -12.37 2.44
CA ASN A 123 -10.11 -13.56 1.75
C ASN A 123 -11.30 -14.09 0.88
N ASN A 124 -11.10 -15.21 0.19
CA ASN A 124 -12.06 -15.72 -0.71
C ASN A 124 -13.26 -16.43 0.00
N LYS A 125 -13.22 -16.48 1.32
CA LYS A 125 -14.34 -16.94 2.16
C LYS A 125 -15.06 -15.75 2.67
N GLY A 126 -14.58 -14.56 2.32
CA GLY A 126 -15.21 -13.37 2.87
C GLY A 126 -14.80 -12.84 4.21
N GLU A 127 -13.71 -13.35 4.75
CA GLU A 127 -13.27 -12.95 6.06
C GLU A 127 -12.21 -11.84 5.97
N ILE A 128 -12.26 -10.86 6.86
CA ILE A 128 -11.22 -9.82 6.95
C ILE A 128 -9.99 -10.43 7.66
N VAL A 129 -8.85 -10.54 6.96
CA VAL A 129 -7.66 -11.11 7.52
C VAL A 129 -6.50 -10.13 7.78
N GLN A 130 -6.64 -8.88 7.36
CA GLN A 130 -5.71 -7.82 7.75
C GLN A 130 -6.45 -6.52 7.66
N LYS A 131 -6.19 -5.63 8.61
CA LYS A 131 -6.69 -4.31 8.67
C LYS A 131 -5.54 -3.40 8.93
N TYR A 132 -5.27 -2.51 7.96
CA TYR A 132 -4.15 -1.62 8.09
C TYR A 132 -4.53 -0.21 8.12
N ARG A 133 -4.06 0.54 9.12
CA ARG A 133 -4.39 1.99 9.23
C ARG A 133 -3.13 2.81 8.83
N LYS A 134 -3.29 3.80 7.98
CA LYS A 134 -2.21 4.50 7.38
C LYS A 134 -1.33 5.13 8.43
N ILE A 135 -0.04 4.85 8.36
CA ILE A 135 0.95 5.31 9.36
C ILE A 135 1.44 6.77 9.12
N ILE A 136 1.48 7.18 7.85
CA ILE A 136 1.91 8.52 7.48
C ILE A 136 0.87 9.20 6.59
N PRO A 137 -0.16 9.83 7.20
CA PRO A 137 -1.09 10.62 6.38
C PRO A 137 -0.51 11.73 5.47
N TRP A 138 -1.18 11.98 4.33
CA TRP A 138 -0.69 12.97 3.34
C TRP A 138 -0.97 14.38 3.83
N CYS A 139 -0.38 14.73 4.96
CA CYS A 139 -0.46 16.09 5.43
C CYS A 139 0.35 17.00 4.46
N PRO A 140 0.01 18.32 4.42
CA PRO A 140 -0.98 19.10 5.30
C PRO A 140 -2.44 18.89 4.95
N ILE A 141 -2.72 18.60 3.66
CA ILE A 141 -4.13 18.75 3.15
C ILE A 141 -5.05 17.77 3.87
N LEU A 142 -4.59 16.53 4.07
CA LEU A 142 -5.46 15.46 4.60
C LEU A 142 -5.29 15.18 6.09
N GLY A 143 -6.45 14.98 6.78
CA GLY A 143 -6.50 15.10 8.25
C GLY A 143 -6.86 13.80 9.01
N TRP A 144 -6.51 12.65 8.49
CA TRP A 144 -6.76 11.37 9.22
C TRP A 144 -5.90 11.19 10.41
N TYR A 145 -6.38 10.34 11.31
CA TYR A 145 -5.55 9.94 12.45
C TYR A 145 -4.50 8.93 12.00
N PRO A 146 -3.25 9.15 12.39
CA PRO A 146 -2.14 8.11 12.09
C PRO A 146 -2.27 6.81 12.77
N GLY A 147 -2.09 5.70 12.02
CA GLY A 147 -1.94 4.36 12.62
C GLY A 147 -0.54 4.13 13.16
N ASP A 148 -0.29 2.97 13.72
CA ASP A 148 1.09 2.74 14.21
C ASP A 148 1.75 1.42 13.97
N THR A 149 1.26 0.58 13.06
CA THR A 149 1.74 -0.80 12.97
C THR A 149 1.63 -1.29 11.54
N THR A 150 2.63 -2.03 11.08
CA THR A 150 2.48 -2.81 9.85
C THR A 150 2.14 -4.28 10.19
N TYR A 151 1.62 -5.00 9.21
CA TYR A 151 1.24 -6.38 9.32
C TYR A 151 1.66 -7.22 8.15
N VAL A 152 1.88 -8.52 8.37
CA VAL A 152 2.09 -9.48 7.33
C VAL A 152 1.08 -10.61 7.52
N THR A 153 0.39 -11.04 6.49
CA THR A 153 -0.67 -12.02 6.58
C THR A 153 -0.44 -13.05 5.47
N GLU A 154 -0.79 -14.29 5.72
CA GLU A 154 -0.83 -15.31 4.72
C GLU A 154 -1.96 -14.99 3.71
N GLY A 155 -1.63 -14.91 2.42
CA GLY A 155 -2.64 -14.53 1.39
C GLY A 155 -2.97 -15.67 0.55
N PRO A 156 -3.49 -15.40 -0.66
CA PRO A 156 -3.81 -16.50 -1.56
C PRO A 156 -2.64 -17.40 -1.84
N LYS A 157 -2.91 -18.71 -1.81
CA LYS A 157 -1.90 -19.73 -2.02
C LYS A 157 -0.73 -19.60 -1.08
N GLY A 158 -0.92 -18.95 0.04
CA GLY A 158 0.21 -18.82 0.96
C GLY A 158 1.14 -17.65 0.73
N LEU A 159 0.91 -16.86 -0.32
CA LEU A 159 1.76 -15.66 -0.56
C LEU A 159 1.64 -14.67 0.58
N LYS A 160 2.77 -14.23 1.16
CA LYS A 160 2.67 -13.33 2.31
C LYS A 160 2.44 -11.91 1.89
N ILE A 161 1.44 -11.22 2.46
CA ILE A 161 1.04 -9.92 2.02
C ILE A 161 1.09 -8.87 3.13
N SER A 162 1.60 -7.66 2.82
CA SER A 162 1.43 -6.52 3.61
C SER A 162 0.75 -5.41 2.77
N LEU A 163 -0.05 -4.59 3.41
CA LEU A 163 -0.72 -3.42 2.84
C LEU A 163 -0.12 -2.14 3.34
N ILE A 164 0.00 -1.13 2.45
CA ILE A 164 0.42 0.23 2.80
C ILE A 164 -0.40 1.22 1.98
N VAL A 165 -0.45 2.45 2.42
CA VAL A 165 -1.32 3.43 1.80
C VAL A 165 -0.56 4.62 1.27
N CYS A 166 -0.67 4.85 -0.04
CA CYS A 166 -0.29 6.10 -0.73
C CYS A 166 1.01 6.69 -0.23
N ASP A 167 0.88 7.77 0.52
CA ASP A 167 1.99 8.56 1.07
C ASP A 167 2.97 7.76 1.92
N ASP A 168 2.50 6.69 2.56
CA ASP A 168 3.38 5.77 3.24
C ASP A 168 4.57 5.33 2.35
N GLY A 169 4.25 5.01 1.09
CA GLY A 169 5.19 4.52 0.15
C GLY A 169 6.32 5.45 -0.22
N ASN A 170 6.22 6.70 0.17
CA ASN A 170 7.30 7.65 -0.14
C ASN A 170 8.50 7.43 0.77
N TYR A 171 8.31 6.70 1.82
CA TYR A 171 9.25 6.45 2.89
C TYR A 171 9.80 5.05 2.79
N PRO A 172 11.11 4.88 2.37
CA PRO A 172 11.62 3.53 2.21
C PRO A 172 11.51 2.61 3.47
N GLU A 173 11.43 3.21 4.63
CA GLU A 173 11.37 2.50 5.88
C GLU A 173 10.22 1.59 5.96
N ILE A 174 9.09 2.01 5.41
CA ILE A 174 7.90 1.13 5.58
C ILE A 174 8.00 -0.09 4.73
N TRP A 175 8.57 0.01 3.51
CA TRP A 175 8.66 -1.16 2.66
C TRP A 175 9.67 -2.13 3.29
N ARG A 176 10.74 -1.59 3.86
CA ARG A 176 11.71 -2.39 4.54
C ARG A 176 11.08 -3.15 5.72
N ASP A 177 10.35 -2.43 6.52
CA ASP A 177 9.72 -3.03 7.67
C ASP A 177 8.83 -4.19 7.26
N CYS A 178 8.03 -4.02 6.21
CA CYS A 178 7.18 -5.10 5.78
C CYS A 178 7.98 -6.29 5.26
N ALA A 179 8.99 -6.06 4.40
CA ALA A 179 9.74 -7.15 3.86
C ALA A 179 10.49 -7.89 4.98
N MET A 180 10.97 -7.18 5.95
CA MET A 180 11.74 -7.78 7.06
C MET A 180 10.82 -8.57 7.97
N LYS A 181 9.53 -8.29 7.98
CA LYS A 181 8.54 -9.12 8.66
C LYS A 181 8.15 -10.30 7.86
N GLY A 182 8.65 -10.38 6.63
CA GLY A 182 8.47 -11.54 5.78
C GLY A 182 7.51 -11.37 4.56
N ALA A 183 7.02 -10.18 4.37
CA ALA A 183 6.19 -9.92 3.22
C ALA A 183 6.85 -10.31 1.93
N GLU A 184 6.09 -10.95 1.04
CA GLU A 184 6.52 -11.31 -0.28
C GLU A 184 5.83 -10.43 -1.35
N LEU A 185 4.67 -9.86 -1.00
CA LEU A 185 4.00 -8.87 -1.82
C LEU A 185 3.65 -7.71 -0.98
N ILE A 186 4.06 -6.50 -1.36
CA ILE A 186 3.54 -5.33 -0.67
C ILE A 186 2.50 -4.69 -1.62
N VAL A 187 1.31 -4.41 -1.13
CA VAL A 187 0.29 -3.81 -1.89
C VAL A 187 0.16 -2.35 -1.50
N ARG A 188 0.32 -1.41 -2.42
CA ARG A 188 0.23 -0.02 -2.14
C ARG A 188 -1.02 0.55 -2.80
N CYS A 189 -2.01 0.93 -2.00
CA CYS A 189 -3.25 1.49 -2.48
C CYS A 189 -3.18 3.01 -2.36
N GLN A 190 -3.47 3.70 -3.47
CA GLN A 190 -3.27 5.14 -3.43
C GLN A 190 -4.34 5.90 -4.11
N GLY A 191 -4.50 7.16 -3.68
CA GLY A 191 -5.30 8.10 -4.38
C GLY A 191 -4.37 9.21 -4.67
N TYR A 192 -3.46 8.93 -5.62
CA TYR A 192 -2.27 9.75 -5.75
C TYR A 192 -2.56 10.76 -6.89
N MET A 193 -2.70 11.97 -6.40
CA MET A 193 -3.06 13.08 -7.24
C MET A 193 -1.86 13.54 -8.02
N TYR A 194 -2.08 14.11 -9.21
CA TYR A 194 -1.00 14.96 -9.77
C TYR A 194 -0.63 16.04 -8.70
N PRO A 195 0.65 16.53 -8.62
CA PRO A 195 1.75 16.53 -9.56
C PRO A 195 2.69 15.32 -9.74
N ALA A 196 3.01 14.61 -8.67
CA ALA A 196 4.23 13.76 -8.62
C ALA A 196 4.26 12.46 -9.40
N LYS A 197 3.69 12.42 -10.62
CA LYS A 197 3.42 11.21 -11.36
C LYS A 197 4.72 10.33 -11.60
N GLU A 198 5.74 10.90 -12.23
CA GLU A 198 6.86 10.07 -12.66
C GLU A 198 7.64 9.60 -11.44
N GLN A 199 7.66 10.40 -10.37
CA GLN A 199 8.41 9.98 -9.18
C GLN A 199 7.71 8.82 -8.45
N GLN A 200 6.38 8.78 -8.46
CA GLN A 200 5.68 7.64 -7.78
C GLN A 200 5.74 6.36 -8.53
N ILE A 201 5.66 6.43 -9.85
CA ILE A 201 5.78 5.24 -10.69
C ILE A 201 7.18 4.68 -10.40
N MET A 202 8.21 5.54 -10.41
CA MET A 202 9.57 5.06 -10.18
C MET A 202 9.77 4.53 -8.77
N MET A 203 9.12 5.13 -7.79
CA MET A 203 9.38 4.72 -6.40
C MET A 203 8.91 3.30 -6.14
N ALA A 204 7.79 2.90 -6.73
CA ALA A 204 7.30 1.50 -6.57
C ALA A 204 8.30 0.48 -7.13
N LYS A 205 8.89 0.79 -8.27
CA LYS A 205 9.86 -0.14 -8.89
C LYS A 205 11.12 -0.22 -7.98
N ALA A 206 11.59 0.93 -7.54
CA ALA A 206 12.86 1.04 -6.78
C ALA A 206 12.65 0.30 -5.42
N MET A 207 11.42 0.32 -4.86
CA MET A 207 11.17 -0.35 -3.60
C MET A 207 11.01 -1.82 -3.74
N ALA A 208 10.42 -2.27 -4.85
CA ALA A 208 10.43 -3.71 -5.23
C ALA A 208 11.82 -4.29 -5.29
N TRP A 209 12.70 -3.59 -6.03
CA TRP A 209 14.05 -4.03 -6.13
CA TRP A 209 14.14 -3.92 -6.13
C TRP A 209 14.84 -3.94 -4.79
N ALA A 210 14.76 -2.83 -4.08
CA ALA A 210 15.57 -2.64 -2.85
C ALA A 210 15.21 -3.65 -1.75
N ASN A 211 13.95 -4.08 -1.74
CA ASN A 211 13.43 -5.00 -0.74
C ASN A 211 13.14 -6.38 -1.27
N ASN A 212 13.58 -6.72 -2.49
CA ASN A 212 13.39 -8.05 -3.08
C ASN A 212 11.95 -8.55 -2.85
N THR A 213 10.96 -7.76 -3.21
CA THR A 213 9.57 -8.09 -2.93
C THR A 213 8.73 -7.75 -4.19
N TYR A 214 7.66 -8.50 -4.46
CA TYR A 214 6.62 -8.13 -5.42
C TYR A 214 5.93 -6.95 -4.91
N VAL A 215 5.53 -6.03 -5.81
CA VAL A 215 4.73 -4.88 -5.45
C VAL A 215 3.51 -4.76 -6.35
N ALA A 216 2.36 -4.48 -5.76
CA ALA A 216 1.15 -4.12 -6.59
C ALA A 216 0.71 -2.76 -6.19
N VAL A 217 0.36 -1.90 -7.12
CA VAL A 217 -0.08 -0.55 -6.83
C VAL A 217 -1.42 -0.38 -7.50
N ALA A 218 -2.43 0.06 -6.79
CA ALA A 218 -3.70 0.51 -7.42
C ALA A 218 -3.85 1.98 -7.13
N ASN A 219 -3.98 2.81 -8.15
CA ASN A 219 -4.12 4.22 -8.00
C ASN A 219 -5.41 4.72 -8.73
N ALA A 220 -6.08 5.68 -8.16
CA ALA A 220 -7.32 6.30 -8.67
C ALA A 220 -7.09 7.09 -9.92
N THR A 221 -8.17 7.37 -10.63
CA THR A 221 -8.15 8.17 -11.85
C THR A 221 -9.28 9.23 -11.76
N GLY A 222 -9.33 10.10 -12.76
CA GLY A 222 -10.31 11.14 -12.93
C GLY A 222 -10.09 12.38 -12.12
N PHE A 223 -11.05 13.30 -12.22
CA PHE A 223 -11.02 14.52 -11.50
C PHE A 223 -12.23 14.56 -10.55
N ASP A 224 -12.04 14.93 -9.31
CA ASP A 224 -13.11 14.78 -8.31
C ASP A 224 -13.61 16.12 -7.78
N GLY A 225 -13.24 17.25 -8.43
CA GLY A 225 -13.68 18.55 -7.97
C GLY A 225 -12.57 19.31 -7.36
N VAL A 226 -11.58 18.60 -6.90
CA VAL A 226 -10.43 19.16 -6.24
C VAL A 226 -9.15 18.70 -6.95
N TYR A 227 -8.93 17.38 -7.04
CA TYR A 227 -7.68 16.79 -7.51
C TYR A 227 -7.99 16.01 -8.75
N SER A 228 -6.95 15.82 -9.58
CA SER A 228 -6.96 14.89 -10.64
C SER A 228 -5.99 13.78 -10.31
N TYR A 229 -6.37 12.54 -10.56
CA TYR A 229 -5.58 11.37 -10.11
C TYR A 229 -4.98 10.70 -11.33
N PHE A 230 -3.77 10.23 -11.27
CA PHE A 230 -2.99 9.93 -12.53
C PHE A 230 -2.92 8.44 -12.88
N GLY A 231 -3.63 7.59 -12.17
CA GLY A 231 -3.65 6.20 -12.53
C GLY A 231 -2.25 5.55 -12.48
N HIS A 232 -1.90 4.79 -13.51
CA HIS A 232 -0.67 4.05 -13.55
C HIS A 232 -0.57 3.00 -12.42
N SER A 233 -1.68 2.40 -12.09
CA SER A 233 -1.71 1.15 -11.39
C SER A 233 -0.73 0.16 -12.03
N ALA A 234 -0.10 -0.69 -11.26
CA ALA A 234 0.97 -1.53 -11.82
C ALA A 234 1.22 -2.72 -10.94
N ILE A 235 1.85 -3.75 -11.51
CA ILE A 235 2.34 -4.89 -10.73
C ILE A 235 3.80 -5.04 -11.13
N ILE A 236 4.67 -5.21 -10.14
CA ILE A 236 6.11 -5.15 -10.37
C ILE A 236 6.74 -6.43 -9.80
N GLY A 237 7.75 -6.97 -10.51
CA GLY A 237 8.52 -8.09 -10.04
C GLY A 237 9.45 -7.74 -8.87
N PHE A 238 9.97 -8.76 -8.21
CA PHE A 238 10.85 -8.53 -7.13
C PHE A 238 12.23 -8.08 -7.63
N ASP A 239 12.49 -8.18 -8.92
CA ASP A 239 13.72 -7.74 -9.52
C ASP A 239 13.62 -6.28 -10.00
N GLY A 240 12.52 -5.60 -9.62
CA GLY A 240 12.32 -4.19 -9.99
C GLY A 240 11.74 -4.00 -11.41
N ARG A 241 11.48 -5.07 -12.15
CA ARG A 241 10.95 -4.90 -13.51
C ARG A 241 9.44 -4.88 -13.48
N THR A 242 8.85 -3.88 -14.11
CA THR A 242 7.44 -3.86 -14.28
C THR A 242 6.88 -5.09 -15.01
N LEU A 243 5.83 -5.70 -14.45
CA LEU A 243 5.04 -6.72 -15.12
C LEU A 243 4.02 -6.11 -16.07
N GLY A 244 3.15 -5.25 -15.53
CA GLY A 244 2.28 -4.47 -16.40
C GLY A 244 1.86 -3.22 -15.65
N GLU A 245 1.54 -2.20 -16.41
CA GLU A 245 1.25 -0.86 -15.91
C GLU A 245 0.10 -0.30 -16.69
N CYS A 246 -0.89 0.31 -16.02
CA CYS A 246 -1.94 1.07 -16.74
C CYS A 246 -1.44 2.41 -17.14
N GLY A 247 -2.20 3.10 -17.95
CA GLY A 247 -1.98 4.53 -18.24
C GLY A 247 -2.92 5.27 -17.32
N THR A 248 -3.35 6.45 -17.75
CA THR A 248 -4.16 7.33 -16.90
C THR A 248 -5.67 7.06 -17.03
N GLU A 249 -6.02 6.02 -17.77
CA GLU A 249 -7.38 5.78 -18.14
C GLU A 249 -8.31 5.39 -16.95
N GLU A 250 -9.51 5.89 -17.00
CA GLU A 250 -10.50 5.60 -15.99
C GLU A 250 -10.89 4.17 -16.07
N ASN A 251 -10.87 3.52 -14.92
CA ASN A 251 -11.22 2.11 -14.73
C ASN A 251 -10.41 1.18 -15.62
N GLY A 252 -9.18 1.60 -15.90
CA GLY A 252 -8.16 0.68 -16.38
C GLY A 252 -7.95 -0.52 -15.42
N ILE A 253 -7.49 -1.64 -15.94
CA ILE A 253 -7.15 -2.82 -15.15
C ILE A 253 -5.80 -3.34 -15.62
N GLN A 254 -4.92 -3.76 -14.73
CA GLN A 254 -3.81 -4.60 -15.14
C GLN A 254 -3.85 -5.92 -14.41
N TYR A 255 -3.22 -6.93 -15.01
CA TYR A 255 -3.27 -8.27 -14.42
C TYR A 255 -1.96 -8.94 -14.68
N ALA A 256 -1.38 -9.56 -13.66
CA ALA A 256 -0.12 -10.30 -13.79
C ALA A 256 -0.11 -11.46 -12.85
N GLU A 257 0.71 -12.47 -13.14
CA GLU A 257 0.93 -13.64 -12.24
C GLU A 257 2.26 -13.55 -11.59
N VAL A 258 2.29 -13.65 -10.27
CA VAL A 258 3.48 -13.65 -9.49
C VAL A 258 3.70 -15.11 -8.92
N SER A 259 4.90 -15.64 -9.14
CA SER A 259 5.29 -17.00 -8.67
C SER A 259 5.75 -17.00 -7.21
N ILE A 260 5.17 -17.89 -6.44
CA ILE A 260 5.51 -18.13 -5.06
C ILE A 260 6.89 -18.80 -5.02
N SER A 261 7.12 -19.77 -5.86
CA SER A 261 8.39 -20.49 -5.80
C SER A 261 9.52 -19.59 -6.26
N GLN A 262 9.28 -18.70 -7.24
CA GLN A 262 10.35 -17.88 -7.75
C GLN A 262 10.88 -16.95 -6.65
N ILE A 263 9.98 -16.32 -5.88
CA ILE A 263 10.51 -15.35 -4.91
C ILE A 263 11.21 -16.09 -3.79
N ARG A 264 10.68 -17.26 -3.44
CA ARG A 264 11.39 -18.12 -2.34
C ARG A 264 12.72 -18.64 -2.78
N ASP A 265 12.83 -19.08 -4.03
CA ASP A 265 14.11 -19.51 -4.59
C ASP A 265 15.10 -18.37 -4.57
N PHE A 266 14.65 -17.20 -5.03
CA PHE A 266 15.53 -16.08 -5.03
C PHE A 266 16.01 -15.64 -3.63
N ARG A 267 15.12 -15.52 -2.65
CA ARG A 267 15.51 -15.07 -1.33
C ARG A 267 16.49 -16.07 -0.63
N LYS A 268 16.40 -17.35 -1.00
CA LYS A 268 17.28 -18.41 -0.56
C LYS A 268 18.66 -18.40 -1.29
N ASN A 269 18.64 -18.23 -2.60
CA ASN A 269 19.83 -18.37 -3.48
C ASN A 269 20.49 -17.17 -4.10
N ALA A 270 19.86 -16.02 -4.06
CA ALA A 270 20.51 -14.87 -4.61
C ALA A 270 21.70 -14.51 -3.71
N GLN A 271 22.73 -13.90 -4.31
CA GLN A 271 23.92 -13.51 -3.61
C GLN A 271 24.23 -12.05 -3.75
N SER A 272 24.64 -11.54 -4.91
CA SER A 272 25.05 -10.12 -4.98
C SER A 272 23.93 -9.13 -4.63
N GLN A 273 22.67 -9.45 -4.99
CA GLN A 273 21.63 -8.50 -4.78
C GLN A 273 20.54 -9.08 -3.83
N ASN A 274 20.98 -9.96 -2.94
CA ASN A 274 20.15 -10.41 -1.82
C ASN A 274 20.19 -9.34 -0.75
N HIS A 275 19.42 -8.29 -0.93
CA HIS A 275 19.61 -7.08 -0.13
C HIS A 275 19.15 -7.26 1.31
N LEU A 276 18.13 -8.11 1.50
CA LEU A 276 17.65 -8.35 2.87
C LEU A 276 18.70 -9.09 3.69
N PHE A 277 19.32 -10.07 3.08
CA PHE A 277 20.40 -10.77 3.65
C PHE A 277 21.65 -9.96 3.89
N LYS A 278 22.11 -9.31 2.85
CA LYS A 278 23.30 -8.50 2.98
C LYS A 278 23.31 -7.42 3.99
N LEU A 279 22.20 -6.70 4.18
CA LEU A 279 22.15 -5.62 5.09
C LEU A 279 22.58 -6.05 6.51
N LEU A 280 22.35 -7.29 6.88
CA LEU A 280 22.59 -7.77 8.27
C LEU A 280 23.82 -8.69 8.39
N HIS A 281 24.59 -8.83 7.27
CA HIS A 281 25.85 -9.56 7.26
C HIS A 281 26.90 -8.72 6.51
N ARG A 282 27.17 -7.51 6.92
CA ARG A 282 27.97 -6.61 6.03
C ARG A 282 29.41 -7.08 6.03
N GLY A 283 30.08 -6.94 4.88
CA GLY A 283 31.52 -7.23 4.85
C GLY A 283 31.87 -8.70 5.11
N TYR A 284 30.99 -9.64 4.76
CA TYR A 284 31.29 -11.04 5.14
C TYR A 284 32.59 -11.61 4.51
N THR A 285 32.77 -11.43 3.22
CA THR A 285 34.03 -11.92 2.56
C THR A 285 35.28 -11.28 3.25
N GLY A 286 35.20 -9.98 3.52
CA GLY A 286 36.29 -9.21 4.19
C GLY A 286 36.70 -9.74 5.54
N LEU A 287 35.71 -9.92 6.42
CA LEU A 287 35.94 -10.53 7.76
C LEU A 287 36.48 -11.97 7.69
N ILE A 288 35.90 -12.82 6.83
CA ILE A 288 36.37 -14.21 6.65
C ILE A 288 37.89 -14.11 6.33
N ASN A 289 38.22 -13.32 5.29
CA ASN A 289 39.57 -13.19 4.80
C ASN A 289 40.49 -12.49 5.77
N SER A 290 39.95 -11.71 6.70
CA SER A 290 40.72 -11.12 7.82
C SER A 290 40.74 -11.94 9.16
N GLY A 291 40.24 -13.18 9.12
CA GLY A 291 40.21 -14.12 10.25
C GLY A 291 39.22 -13.76 11.36
N GLU A 292 38.06 -13.17 11.03
CA GLU A 292 37.15 -12.66 12.08
C GLU A 292 35.72 -13.22 12.08
N GLY A 293 35.55 -14.43 11.60
CA GLY A 293 34.25 -15.10 11.70
C GLY A 293 33.57 -15.01 10.36
N ASP A 294 32.51 -15.78 10.19
CA ASP A 294 31.93 -15.95 8.83
C ASP A 294 30.50 -15.45 8.72
N ARG A 295 30.16 -14.51 9.59
CA ARG A 295 28.82 -13.96 9.66
C ARG A 295 28.69 -12.55 9.11
N GLY A 296 29.81 -11.90 8.75
CA GLY A 296 29.86 -10.46 8.56
C GLY A 296 29.46 -9.70 9.80
N VAL A 297 29.03 -8.45 9.63
CA VAL A 297 28.62 -7.61 10.71
C VAL A 297 27.12 -7.27 10.64
N ALA A 298 26.42 -7.32 11.77
CA ALA A 298 24.99 -7.05 11.82
C ALA A 298 24.63 -5.71 12.44
N GLU A 299 25.51 -5.20 13.32
CA GLU A 299 25.23 -3.99 14.01
C GLU A 299 24.78 -2.85 13.06
N CYS A 300 23.86 -2.03 13.55
CA CYS A 300 23.34 -0.87 12.72
C CYS A 300 24.32 0.29 12.72
N PRO A 301 24.89 0.67 11.54
CA PRO A 301 25.97 1.68 11.59
C PRO A 301 25.48 3.06 11.37
N PHE A 302 24.14 3.23 11.29
CA PHE A 302 23.50 4.46 10.89
C PHE A 302 22.95 5.23 12.09
N ASP A 303 23.66 6.30 12.46
CA ASP A 303 23.27 7.14 13.59
C ASP A 303 21.81 7.65 13.56
N PHE A 304 21.27 7.99 12.38
CA PHE A 304 19.91 8.47 12.36
C PHE A 304 18.94 7.42 12.97
N TYR A 305 19.04 6.19 12.58
CA TYR A 305 18.10 5.22 13.06
C TYR A 305 18.32 4.95 14.58
N ARG A 306 19.58 4.98 15.01
CA ARG A 306 19.93 4.80 16.44
C ARG A 306 19.30 5.88 17.29
N THR A 307 19.46 7.12 16.82
CA THR A 307 18.79 8.26 17.46
C THR A 307 17.28 8.25 17.38
N TRP A 308 16.72 7.94 16.21
CA TRP A 308 15.29 7.97 16.09
C TRP A 308 14.66 6.97 17.14
N VAL A 309 15.15 5.77 17.20
CA VAL A 309 14.67 4.74 18.14
C VAL A 309 14.90 5.15 19.65
N LEU A 310 16.07 5.64 20.02
CA LEU A 310 16.41 6.02 21.40
C LEU A 310 15.80 7.29 21.85
N ASP A 311 15.74 8.32 20.99
CA ASP A 311 15.33 9.64 21.32
C ASP A 311 14.65 10.34 20.18
N ALA A 312 13.40 9.96 19.93
CA ALA A 312 12.56 10.48 18.86
C ALA A 312 12.50 11.97 18.90
N GLU A 313 12.42 12.56 20.08
CA GLU A 313 12.39 14.03 20.17
C GLU A 313 13.65 14.71 19.69
N LYS A 314 14.82 14.16 20.01
CA LYS A 314 16.11 14.66 19.45
C LYS A 314 16.13 14.46 17.91
N ALA A 315 15.62 13.34 17.38
CA ALA A 315 15.61 13.17 15.91
C ALA A 315 14.75 14.26 15.32
N ARG A 316 13.67 14.61 15.96
CA ARG A 316 12.78 15.64 15.46
C ARG A 316 13.45 16.96 15.46
N GLU A 317 14.14 17.24 16.55
CA GLU A 317 14.78 18.50 16.69
C GLU A 317 15.85 18.65 15.63
N ASN A 318 16.58 17.59 15.34
CA ASN A 318 17.62 17.58 14.35
C ASN A 318 17.06 17.88 12.94
N VAL A 319 15.97 17.20 12.59
CA VAL A 319 15.32 17.51 11.30
C VAL A 319 14.79 18.93 11.20
N GLU A 320 14.30 19.48 12.31
CA GLU A 320 13.72 20.83 12.25
C GLU A 320 14.83 21.88 11.92
N LYS A 321 16.05 21.63 12.35
CA LYS A 321 17.17 22.53 12.00
C LYS A 321 17.44 22.56 10.51
N ILE A 322 17.22 21.41 9.83
CA ILE A 322 17.49 21.23 8.35
C ILE A 322 16.28 21.73 7.52
N THR A 323 15.09 21.83 8.12
CA THR A 323 13.87 22.07 7.37
C THR A 323 13.25 23.31 8.01
N ARG A 324 12.30 23.12 8.89
CA ARG A 324 11.67 24.23 9.57
C ARG A 324 11.10 23.74 10.90
N SER A 325 10.75 24.68 11.75
CA SER A 325 10.31 24.36 13.14
C SER A 325 8.82 24.13 13.32
N THR A 326 7.99 24.71 12.44
CA THR A 326 6.52 24.57 12.58
C THR A 326 5.96 23.73 11.47
N VAL A 327 4.80 23.11 11.67
CA VAL A 327 4.24 22.24 10.60
C VAL A 327 3.86 23.04 9.33
N GLY A 328 3.53 24.31 9.51
CA GLY A 328 3.11 25.19 8.39
C GLY A 328 4.22 26.20 8.02
N THR A 329 4.10 26.79 6.84
CA THR A 329 5.04 27.86 6.45
C THR A 329 4.30 29.10 6.06
N ALA A 330 4.74 30.26 6.60
CA ALA A 330 4.04 31.52 6.31
C ALA A 330 4.12 31.88 4.84
N GLU A 331 5.06 31.28 4.10
CA GLU A 331 5.18 31.63 2.61
C GLU A 331 4.05 30.95 1.75
N CYS A 332 3.38 29.97 2.34
CA CYS A 332 2.28 29.22 1.73
C CYS A 332 1.36 28.74 2.84
N PRO A 333 0.57 29.69 3.37
CA PRO A 333 -0.23 29.40 4.56
C PRO A 333 -1.45 28.54 4.20
N ILE A 334 -1.87 27.71 5.16
CA ILE A 334 -3.02 26.82 4.98
C ILE A 334 -3.82 26.92 6.30
N GLN A 335 -5.14 27.13 6.20
CA GLN A 335 -6.00 27.32 7.39
C GLN A 335 -5.94 26.14 8.34
N GLY A 336 -5.65 26.41 9.60
CA GLY A 336 -5.61 25.40 10.68
C GLY A 336 -4.24 24.72 10.76
N ILE A 337 -3.28 25.13 9.92
CA ILE A 337 -1.92 24.65 10.02
C ILE A 337 -1.01 25.79 10.50
N PRO A 338 -0.46 25.71 11.74
CA PRO A 338 0.21 26.91 12.31
C PRO A 338 1.61 27.17 11.71
N ASN A 339 2.07 28.43 11.68
CA ASN A 339 3.43 28.74 11.13
C ASN A 339 4.18 29.89 11.84
CL CL B . -3.87 10.90 3.93
#